data_4JYK
#
_entry.id   4JYK
#
_cell.length_a   43.150
_cell.length_b   86.140
_cell.length_c   69.019
_cell.angle_alpha   90.00
_cell.angle_beta   106.23
_cell.angle_gamma   90.00
#
_symmetry.space_group_name_H-M   'P 1 21 1'
#
loop_
_entity.id
_entity.type
_entity.pdbx_description
1 polymer 'HTH-type transcriptional regulator RutR'
2 non-polymer 'SULFATE ION'
3 non-polymer URACIL
4 water water
#
_entity_poly.entity_id   1
_entity_poly.type   'polypeptide(L)'
_entity_poly.pdbx_seq_one_letter_code
;MTQGAVKTTGKRSRAVSAKKKAILSAALDTFSQFGFHGTRLEQIAELAGVSKTNLLYYFPSKEALYIAVLRQILDIWLAP
LKAFREDFAPLAAIKEYIRLKLEVSRDYPQASRLFCMEMLAGAPLLMDELTGDLKALIDEKSALIAGWVKSGKLAPIDPQ
HLIFMIWASTQHYADFAPQVEAVTGATLRDEVFFNQTVENVQRIIIEGIRPR
;
_entity_poly.pdbx_strand_id   A,B
#
loop_
_chem_comp.id
_chem_comp.type
_chem_comp.name
_chem_comp.formula
SO4 non-polymer 'SULFATE ION' 'O4 S -2'
URA non-polymer URACIL 'C4 H4 N2 O2'
#
# COMPACT_ATOMS: atom_id res chain seq x y z
N ARG A 12 -10.95 -31.45 10.30
CA ARG A 12 -10.61 -32.53 11.14
C ARG A 12 -9.60 -33.21 10.24
N SER A 13 -9.80 -33.37 8.90
CA SER A 13 -8.86 -34.23 8.13
C SER A 13 -7.61 -33.53 7.62
N ARG A 14 -6.46 -34.07 7.98
CA ARG A 14 -5.23 -33.50 7.51
C ARG A 14 -4.94 -33.62 6.02
N ALA A 15 -5.34 -34.77 5.47
CA ALA A 15 -5.17 -35.04 4.05
C ALA A 15 -6.09 -34.10 3.23
N VAL A 16 -7.30 -33.85 3.74
CA VAL A 16 -8.23 -32.92 3.07
C VAL A 16 -7.69 -31.50 3.16
N SER A 17 -7.22 -31.13 4.34
CA SER A 17 -6.65 -29.77 4.56
C SER A 17 -5.45 -29.52 3.59
N ALA A 18 -4.56 -30.54 3.49
CA ALA A 18 -3.42 -30.45 2.59
C ALA A 18 -3.82 -30.27 1.12
N LYS A 19 -4.85 -30.98 0.68
CA LYS A 19 -5.32 -30.87 -0.69
C LYS A 19 -5.86 -29.45 -0.96
N LYS A 20 -6.66 -28.92 0.02
CA LYS A 20 -7.18 -27.56 -0.08
C LYS A 20 -6.04 -26.55 -0.20
N LYS A 21 -5.02 -26.72 0.62
CA LYS A 21 -3.88 -25.80 0.59
C LYS A 21 -3.16 -25.84 -0.77
N ALA A 22 -3.03 -27.05 -1.32
CA ALA A 22 -2.38 -27.22 -2.60
C ALA A 22 -3.16 -26.48 -3.68
N ILE A 23 -4.47 -26.61 -3.63
CA ILE A 23 -5.36 -25.91 -4.62
C ILE A 23 -5.27 -24.38 -4.44
N LEU A 24 -5.32 -23.94 -3.17
CA LEU A 24 -5.27 -22.48 -2.87
C LEU A 24 -3.92 -21.86 -3.29
N SER A 25 -2.85 -22.59 -3.07
CA SER A 25 -1.52 -22.16 -3.46
C SER A 25 -1.42 -22.05 -4.98
N ALA A 26 -1.91 -23.06 -5.72
CA ALA A 26 -1.96 -22.98 -7.22
C ALA A 26 -2.83 -21.81 -7.74
N ALA A 27 -3.96 -21.61 -7.08
CA ALA A 27 -4.91 -20.53 -7.44
C ALA A 27 -4.25 -19.20 -7.23
N LEU A 28 -3.57 -19.04 -6.08
CA LEU A 28 -2.87 -17.76 -5.79
C LEU A 28 -1.87 -17.46 -6.86
N ASP A 29 -1.02 -18.45 -7.18
CA ASP A 29 0.08 -18.23 -8.14
C ASP A 29 -0.44 -17.96 -9.56
N THR A 30 -1.56 -18.54 -9.89
CA THR A 30 -2.20 -18.33 -11.20
C THR A 30 -2.94 -16.98 -11.30
N PHE A 31 -3.76 -16.64 -10.31
CA PHE A 31 -4.50 -15.37 -10.28
C PHE A 31 -3.49 -14.22 -10.30
N SER A 32 -2.30 -14.43 -9.71
CA SER A 32 -1.17 -13.46 -9.82
CA SER A 32 -1.15 -13.50 -9.84
C SER A 32 -0.55 -13.29 -11.24
N GLN A 33 -0.25 -14.38 -11.94
CA GLN A 33 0.39 -14.32 -13.27
C GLN A 33 -0.66 -13.80 -14.28
N PHE A 34 -1.94 -14.12 -14.12
CA PHE A 34 -2.93 -13.88 -15.20
C PHE A 34 -4.18 -12.99 -14.87
N GLY A 35 -4.42 -12.61 -13.62
CA GLY A 35 -5.68 -11.87 -13.23
C GLY A 35 -6.91 -12.77 -13.08
N PHE A 36 -8.00 -12.23 -12.50
CA PHE A 36 -9.24 -13.01 -12.27
C PHE A 36 -9.89 -13.44 -13.60
N HIS A 37 -10.13 -12.47 -14.49
CA HIS A 37 -10.83 -12.76 -15.74
C HIS A 37 -9.94 -13.58 -16.68
N GLY A 38 -8.62 -13.38 -16.64
CA GLY A 38 -7.69 -14.13 -17.50
C GLY A 38 -7.39 -15.57 -17.05
N THR A 39 -7.72 -15.91 -15.81
CA THR A 39 -7.42 -17.20 -15.26
C THR A 39 -8.52 -18.19 -15.63
N ARG A 40 -8.13 -19.38 -16.05
CA ARG A 40 -9.07 -20.48 -16.23
C ARG A 40 -8.93 -21.52 -15.07
N LEU A 41 -10.04 -22.11 -14.62
CA LEU A 41 -9.97 -23.20 -13.59
C LEU A 41 -9.09 -24.36 -14.08
N GLU A 42 -9.11 -24.67 -15.39
CA GLU A 42 -8.26 -25.75 -15.97
C GLU A 42 -6.73 -25.52 -15.71
N GLN A 43 -6.28 -24.25 -15.78
CA GLN A 43 -4.89 -23.82 -15.47
C GLN A 43 -4.57 -24.07 -13.99
N ILE A 44 -5.50 -23.72 -13.09
CA ILE A 44 -5.27 -23.90 -11.62
C ILE A 44 -5.19 -25.38 -11.32
N ALA A 45 -6.15 -26.16 -11.83
CA ALA A 45 -6.16 -27.59 -11.60
C ALA A 45 -4.86 -28.24 -12.09
N GLU A 46 -4.35 -27.79 -13.24
CA GLU A 46 -3.17 -28.37 -13.83
C GLU A 46 -1.98 -28.09 -12.96
N LEU A 47 -1.83 -26.84 -12.53
CA LEU A 47 -0.74 -26.46 -11.64
C LEU A 47 -0.80 -27.19 -10.31
N ALA A 48 -2.02 -27.44 -9.83
CA ALA A 48 -2.18 -28.10 -8.52
C ALA A 48 -2.02 -29.62 -8.59
N GLY A 49 -2.03 -30.16 -9.82
CA GLY A 49 -2.05 -31.60 -10.04
C GLY A 49 -3.36 -32.23 -9.64
N VAL A 50 -4.49 -31.55 -9.86
CA VAL A 50 -5.79 -32.14 -9.51
C VAL A 50 -6.68 -32.09 -10.73
N SER A 51 -7.73 -32.90 -10.71
CA SER A 51 -8.77 -32.80 -11.74
C SER A 51 -9.59 -31.56 -11.52
N LYS A 52 -10.19 -31.05 -12.60
CA LYS A 52 -11.08 -29.90 -12.43
C LYS A 52 -12.28 -30.26 -11.56
N THR A 53 -12.77 -31.50 -11.66
N THR A 53 -12.78 -31.50 -11.70
CA THR A 53 -13.90 -31.93 -10.83
CA THR A 53 -13.94 -31.91 -10.90
C THR A 53 -13.56 -31.94 -9.34
C THR A 53 -13.58 -31.99 -9.37
N ASN A 54 -12.37 -32.40 -9.00
CA ASN A 54 -11.90 -32.36 -7.60
C ASN A 54 -11.80 -30.90 -7.10
N LEU A 55 -11.31 -30.02 -7.97
CA LEU A 55 -11.21 -28.60 -7.60
C LEU A 55 -12.61 -28.01 -7.31
N LEU A 56 -13.58 -28.33 -8.18
CA LEU A 56 -14.92 -27.83 -8.01
C LEU A 56 -15.65 -28.41 -6.82
N TYR A 57 -15.25 -29.61 -6.35
CA TYR A 57 -15.84 -30.21 -5.14
C TYR A 57 -15.63 -29.29 -3.95
N TYR A 58 -14.43 -28.71 -3.89
CA TYR A 58 -14.01 -27.83 -2.78
C TYR A 58 -14.43 -26.40 -2.99
N PHE A 59 -14.31 -25.94 -4.21
CA PHE A 59 -14.53 -24.50 -4.57
C PHE A 59 -15.43 -24.46 -5.79
N PRO A 60 -16.74 -24.20 -5.57
CA PRO A 60 -17.69 -24.53 -6.66
C PRO A 60 -17.71 -23.57 -7.87
N SER A 61 -16.94 -22.49 -7.83
CA SER A 61 -16.83 -21.53 -8.94
C SER A 61 -15.49 -20.79 -8.82
N LYS A 62 -15.11 -20.13 -9.92
CA LYS A 62 -13.90 -19.32 -9.94
C LYS A 62 -14.03 -18.21 -8.94
N GLU A 63 -15.24 -17.61 -8.86
CA GLU A 63 -15.47 -16.57 -7.85
C GLU A 63 -15.21 -17.10 -6.42
N ALA A 64 -15.71 -18.30 -6.13
CA ALA A 64 -15.59 -18.86 -4.77
C ALA A 64 -14.13 -19.16 -4.47
N LEU A 65 -13.40 -19.65 -5.44
CA LEU A 65 -12.00 -19.90 -5.26
C LEU A 65 -11.17 -18.63 -5.03
N TYR A 66 -11.41 -17.62 -5.85
CA TYR A 66 -10.73 -16.31 -5.69
C TYR A 66 -10.98 -15.71 -4.26
N ILE A 67 -12.24 -15.72 -3.83
CA ILE A 67 -12.60 -15.25 -2.47
C ILE A 67 -11.89 -16.10 -1.42
N ALA A 68 -11.81 -17.42 -1.63
CA ALA A 68 -11.05 -18.28 -0.69
C ALA A 68 -9.54 -17.93 -0.59
N VAL A 69 -8.92 -17.59 -1.72
CA VAL A 69 -7.51 -17.17 -1.76
C VAL A 69 -7.35 -15.88 -0.97
N LEU A 70 -8.28 -14.93 -1.17
CA LEU A 70 -8.17 -13.69 -0.47
C LEU A 70 -8.48 -13.84 1.06
N ARG A 71 -9.44 -14.70 1.42
CA ARG A 71 -9.69 -15.01 2.83
C ARG A 71 -8.48 -15.71 3.48
N GLN A 72 -7.75 -16.52 2.73
CA GLN A 72 -6.55 -17.17 3.27
C GLN A 72 -5.47 -16.13 3.58
N ILE A 73 -5.28 -15.13 2.72
CA ILE A 73 -4.30 -14.04 2.97
C ILE A 73 -4.73 -13.24 4.17
N LEU A 74 -6.02 -12.92 4.26
CA LEU A 74 -6.49 -12.21 5.44
C LEU A 74 -6.23 -13.02 6.72
N ASP A 75 -6.47 -14.34 6.64
CA ASP A 75 -6.23 -15.24 7.80
C ASP A 75 -4.78 -15.16 8.25
N ILE A 76 -3.85 -15.26 7.33
CA ILE A 76 -2.42 -15.24 7.64
C ILE A 76 -2.04 -13.90 8.25
N TRP A 77 -2.52 -12.84 7.60
CA TRP A 77 -2.18 -11.48 8.04
C TRP A 77 -2.72 -11.16 9.41
N LEU A 78 -3.97 -11.57 9.67
CA LEU A 78 -4.69 -11.17 10.88
C LEU A 78 -4.40 -12.04 12.08
N ALA A 79 -3.75 -13.19 11.89
CA ALA A 79 -3.55 -14.14 13.01
C ALA A 79 -2.98 -13.44 14.26
N PRO A 80 -1.91 -12.64 14.13
CA PRO A 80 -1.38 -11.98 15.35
C PRO A 80 -2.35 -11.04 16.01
N LEU A 81 -3.08 -10.26 15.22
CA LEU A 81 -4.01 -9.30 15.78
C LEU A 81 -5.19 -10.01 16.47
N LYS A 82 -5.71 -11.07 15.84
CA LYS A 82 -6.78 -11.88 16.48
C LYS A 82 -6.37 -12.37 17.85
N ALA A 83 -5.10 -12.68 18.00
CA ALA A 83 -4.54 -13.20 19.26
C ALA A 83 -4.40 -12.14 20.38
N PHE A 84 -4.45 -10.84 20.07
CA PHE A 84 -4.32 -9.81 21.09
C PHE A 84 -5.31 -10.02 22.24
N ARG A 85 -4.81 -9.90 23.45
CA ARG A 85 -5.64 -9.92 24.64
C ARG A 85 -5.30 -8.72 25.50
N GLU A 86 -6.28 -8.29 26.29
CA GLU A 86 -6.15 -7.17 27.21
C GLU A 86 -4.88 -7.36 28.05
N ASP A 87 -4.58 -8.60 28.37
CA ASP A 87 -3.49 -8.95 29.20
C ASP A 87 -2.07 -8.81 28.60
N PHE A 88 -1.94 -8.69 27.29
CA PHE A 88 -0.65 -8.61 26.63
C PHE A 88 0.12 -7.34 27.01
N ALA A 89 1.44 -7.43 26.94
CA ALA A 89 2.30 -6.24 26.95
C ALA A 89 2.16 -5.58 25.59
N PRO A 90 1.54 -4.39 25.54
CA PRO A 90 1.15 -3.81 24.24
C PRO A 90 2.29 -3.55 23.30
N LEU A 91 3.37 -2.93 23.75
CA LEU A 91 4.44 -2.57 22.82
C LEU A 91 5.16 -3.81 22.28
N ALA A 92 5.36 -4.81 23.15
CA ALA A 92 5.91 -6.11 22.73
C ALA A 92 5.02 -6.80 21.69
N ALA A 93 3.70 -6.79 21.95
CA ALA A 93 2.74 -7.44 21.03
C ALA A 93 2.77 -6.75 19.65
N ILE A 94 2.84 -5.44 19.66
CA ILE A 94 2.80 -4.67 18.40
C ILE A 94 4.13 -4.86 17.62
N LYS A 95 5.25 -4.92 18.34
CA LYS A 95 6.52 -5.24 17.71
C LYS A 95 6.46 -6.58 17.00
N GLU A 96 5.95 -7.60 17.67
CA GLU A 96 5.88 -8.91 17.10
C GLU A 96 4.98 -8.93 15.87
N TYR A 97 3.89 -8.18 15.95
CA TYR A 97 2.93 -8.06 14.86
C TYR A 97 3.59 -7.43 13.62
N ILE A 98 4.34 -6.37 13.81
CA ILE A 98 5.06 -5.71 12.72
C ILE A 98 6.08 -6.68 12.08
N ARG A 99 6.83 -7.43 12.92
CA ARG A 99 7.81 -8.38 12.38
C ARG A 99 7.12 -9.49 11.57
N LEU A 100 6.01 -10.03 12.09
CA LEU A 100 5.28 -11.11 11.40
C LEU A 100 4.70 -10.60 10.06
N LYS A 101 4.23 -9.37 10.08
CA LYS A 101 3.71 -8.73 8.83
C LYS A 101 4.81 -8.59 7.77
N LEU A 102 5.98 -8.16 8.19
CA LEU A 102 7.09 -8.06 7.23
C LEU A 102 7.55 -9.44 6.73
N GLU A 103 7.53 -10.44 7.57
CA GLU A 103 7.86 -11.79 7.14
C GLU A 103 6.91 -12.25 6.01
N VAL A 104 5.61 -11.98 6.17
CA VAL A 104 4.62 -12.29 5.15
C VAL A 104 4.90 -11.50 3.83
N SER A 105 5.31 -10.23 3.92
CA SER A 105 5.65 -9.44 2.71
C SER A 105 6.87 -10.07 2.05
N ARG A 106 7.84 -10.58 2.85
CA ARG A 106 9.01 -11.24 2.30
C ARG A 106 8.67 -12.59 1.64
N ASP A 107 7.81 -13.37 2.31
CA ASP A 107 7.58 -14.75 1.92
C ASP A 107 6.42 -14.99 0.93
N TYR A 108 5.41 -14.10 0.98
CA TYR A 108 4.17 -14.24 0.17
C TYR A 108 3.81 -12.94 -0.54
N PRO A 109 4.81 -12.34 -1.23
CA PRO A 109 4.53 -11.03 -1.83
C PRO A 109 3.41 -11.10 -2.87
N GLN A 110 3.31 -12.25 -3.56
CA GLN A 110 2.28 -12.40 -4.59
C GLN A 110 0.89 -12.33 -3.95
N ALA A 111 0.74 -12.80 -2.70
CA ALA A 111 -0.55 -12.61 -2.00
C ALA A 111 -0.89 -11.16 -1.68
N SER A 112 0.11 -10.44 -1.24
CA SER A 112 -0.04 -9.01 -0.96
C SER A 112 -0.44 -8.23 -2.22
N ARG A 113 0.20 -8.53 -3.36
CA ARG A 113 -0.14 -7.88 -4.57
C ARG A 113 -1.56 -8.24 -5.06
N LEU A 114 -1.99 -9.51 -4.92
CA LEU A 114 -3.31 -9.87 -5.37
C LEU A 114 -4.39 -9.12 -4.54
N PHE A 115 -4.16 -9.04 -3.21
CA PHE A 115 -5.06 -8.34 -2.34
C PHE A 115 -5.11 -6.83 -2.71
N CYS A 116 -3.94 -6.23 -2.89
CA CYS A 116 -3.83 -4.85 -3.34
C CYS A 116 -4.65 -4.64 -4.67
N MET A 117 -4.50 -5.55 -5.64
CA MET A 117 -5.19 -5.40 -6.89
C MET A 117 -6.72 -5.41 -6.72
N GLU A 118 -7.22 -6.26 -5.84
CA GLU A 118 -8.66 -6.37 -5.56
C GLU A 118 -9.14 -5.04 -4.92
N MET A 119 -8.33 -4.46 -4.02
CA MET A 119 -8.64 -3.12 -3.41
C MET A 119 -8.70 -2.01 -4.49
N LEU A 120 -7.73 -2.01 -5.40
CA LEU A 120 -7.69 -1.01 -6.45
C LEU A 120 -8.93 -1.07 -7.32
N ALA A 121 -9.50 -2.25 -7.47
CA ALA A 121 -10.69 -2.47 -8.26
C ALA A 121 -11.99 -2.11 -7.54
N GLY A 122 -11.88 -1.67 -6.30
CA GLY A 122 -12.99 -1.31 -5.45
C GLY A 122 -13.57 -2.44 -4.61
N ALA A 123 -12.79 -3.51 -4.46
CA ALA A 123 -13.21 -4.70 -3.72
C ALA A 123 -14.54 -5.31 -4.21
N PRO A 124 -14.69 -5.51 -5.54
CA PRO A 124 -15.94 -6.02 -6.06
C PRO A 124 -16.36 -7.40 -5.53
N LEU A 125 -15.42 -8.30 -5.26
CA LEU A 125 -15.73 -9.61 -4.77
C LEU A 125 -15.45 -9.75 -3.28
N LEU A 126 -14.63 -8.86 -2.69
CA LEU A 126 -14.26 -8.99 -1.30
C LEU A 126 -15.00 -8.09 -0.34
N MET A 127 -15.83 -7.21 -0.86
CA MET A 127 -16.42 -6.16 -0.01
C MET A 127 -17.16 -6.77 1.19
N ASP A 128 -17.91 -7.85 0.99
CA ASP A 128 -18.66 -8.45 2.11
C ASP A 128 -17.75 -8.93 3.24
N GLU A 129 -16.59 -9.43 2.91
CA GLU A 129 -15.65 -9.87 3.94
CA GLU A 129 -15.62 -9.85 3.93
C GLU A 129 -15.11 -8.66 4.72
N LEU A 130 -14.99 -7.51 4.04
CA LEU A 130 -14.49 -6.31 4.71
C LEU A 130 -15.53 -5.68 5.65
N THR A 131 -16.77 -5.57 5.18
CA THR A 131 -17.84 -4.92 5.96
C THR A 131 -18.41 -5.77 7.06
N GLY A 132 -18.20 -7.09 6.97
CA GLY A 132 -18.71 -8.06 7.95
C GLY A 132 -17.62 -8.44 8.96
N ASP A 133 -16.97 -9.56 8.68
CA ASP A 133 -15.97 -10.15 9.59
C ASP A 133 -14.77 -9.25 9.87
N LEU A 134 -14.24 -8.52 8.88
CA LEU A 134 -13.05 -7.68 9.16
C LEU A 134 -13.44 -6.49 10.04
N LYS A 135 -14.51 -5.79 9.67
CA LYS A 135 -15.02 -4.72 10.49
C LYS A 135 -15.26 -5.17 11.96
N ALA A 136 -15.89 -6.33 12.12
CA ALA A 136 -16.23 -6.86 13.48
C ALA A 136 -14.94 -7.06 14.28
N LEU A 137 -13.94 -7.65 13.64
CA LEU A 137 -12.62 -7.86 14.31
C LEU A 137 -11.92 -6.53 14.69
N ILE A 138 -11.89 -5.59 13.75
CA ILE A 138 -11.24 -4.31 13.98
C ILE A 138 -11.99 -3.53 15.05
N ASP A 139 -13.31 -3.62 15.09
CA ASP A 139 -14.05 -2.96 16.14
C ASP A 139 -13.65 -3.50 17.50
N GLU A 140 -13.58 -4.82 17.61
CA GLU A 140 -13.21 -5.48 18.88
C GLU A 140 -11.77 -5.10 19.33
N LYS A 141 -10.79 -5.22 18.41
CA LYS A 141 -9.41 -4.94 18.79
C LYS A 141 -9.15 -3.46 18.99
N SER A 142 -9.90 -2.60 18.30
CA SER A 142 -9.84 -1.14 18.53
C SER A 142 -10.25 -0.81 19.96
N ALA A 143 -11.26 -1.52 20.46
CA ALA A 143 -11.71 -1.29 21.86
C ALA A 143 -10.63 -1.72 22.86
N LEU A 144 -9.98 -2.81 22.50
CA LEU A 144 -8.91 -3.34 23.32
C LEU A 144 -7.74 -2.34 23.39
N ILE A 145 -7.35 -1.85 22.24
CA ILE A 145 -6.23 -0.91 22.18
C ILE A 145 -6.61 0.38 22.93
N ALA A 146 -7.86 0.82 22.77
CA ALA A 146 -8.33 2.00 23.51
C ALA A 146 -8.25 1.81 25.01
N GLY A 147 -8.48 0.59 25.47
CA GLY A 147 -8.29 0.24 26.89
C GLY A 147 -6.84 0.42 27.33
N TRP A 148 -5.93 0.05 26.44
CA TRP A 148 -4.53 0.23 26.72
C TRP A 148 -4.16 1.71 26.85
N VAL A 149 -4.70 2.52 25.96
CA VAL A 149 -4.53 3.94 26.06
C VAL A 149 -5.09 4.44 27.40
N LYS A 150 -6.35 4.09 27.74
CA LYS A 150 -6.96 4.51 29.02
C LYS A 150 -6.09 4.19 30.24
N SER A 151 -5.49 3.01 30.21
CA SER A 151 -4.59 2.50 31.27
C SER A 151 -3.23 3.19 31.30
N GLY A 152 -2.91 3.96 30.26
CA GLY A 152 -1.62 4.62 30.15
C GLY A 152 -0.46 3.73 29.67
N LYS A 153 -0.81 2.61 29.03
CA LYS A 153 0.13 1.70 28.44
C LYS A 153 0.51 2.07 27.01
N LEU A 154 -0.27 2.96 26.39
CA LEU A 154 0.07 3.54 25.09
C LEU A 154 -0.27 5.01 25.15
N ALA A 155 0.45 5.78 24.35
CA ALA A 155 0.17 7.21 24.15
C ALA A 155 -1.20 7.28 23.49
N PRO A 156 -1.89 8.42 23.62
CA PRO A 156 -3.25 8.56 23.01
C PRO A 156 -3.16 8.58 21.50
N ILE A 157 -3.60 7.54 20.83
CA ILE A 157 -3.70 7.50 19.34
C ILE A 157 -5.02 6.82 19.02
N ASP A 158 -5.52 7.09 17.85
CA ASP A 158 -6.74 6.40 17.39
C ASP A 158 -6.37 4.99 16.94
N PRO A 159 -6.99 3.97 17.56
CA PRO A 159 -6.52 2.61 17.18
C PRO A 159 -6.65 2.22 15.72
N GLN A 160 -7.74 2.62 15.03
CA GLN A 160 -7.87 2.25 13.67
C GLN A 160 -6.68 2.79 12.80
N HIS A 161 -6.25 4.01 13.06
CA HIS A 161 -5.15 4.60 12.31
C HIS A 161 -3.84 3.91 12.61
N LEU A 162 -3.65 3.46 13.84
CA LEU A 162 -2.45 2.72 14.21
C LEU A 162 -2.42 1.43 13.38
N ILE A 163 -3.56 0.74 13.39
CA ILE A 163 -3.68 -0.49 12.67
C ILE A 163 -3.41 -0.31 11.16
N PHE A 164 -4.02 0.73 10.57
CA PHE A 164 -3.77 1.03 9.17
C PHE A 164 -2.32 1.32 8.87
N MET A 165 -1.65 2.03 9.76
N MET A 165 -1.64 2.05 9.76
CA MET A 165 -0.24 2.34 9.61
CA MET A 165 -0.22 2.32 9.55
C MET A 165 0.62 1.07 9.56
C MET A 165 0.63 1.07 9.56
N ILE A 166 0.31 0.12 10.45
CA ILE A 166 0.99 -1.14 10.46
C ILE A 166 0.78 -1.87 9.12
N TRP A 167 -0.44 -1.95 8.68
CA TRP A 167 -0.76 -2.62 7.39
C TRP A 167 -0.01 -1.92 6.26
N ALA A 168 -0.14 -0.62 6.16
CA ALA A 168 0.42 0.12 5.06
C ALA A 168 1.95 0.00 5.00
N SER A 169 2.60 0.22 6.13
CA SER A 169 4.05 0.30 6.22
C SER A 169 4.65 -1.09 5.84
N THR A 170 4.03 -2.16 6.26
CA THR A 170 4.60 -3.50 6.05
C THR A 170 4.27 -4.07 4.67
N GLN A 171 3.05 -3.81 4.20
CA GLN A 171 2.67 -4.27 2.87
C GLN A 171 3.40 -3.49 1.79
N HIS A 172 3.84 -2.26 2.08
CA HIS A 172 4.53 -1.44 1.10
C HIS A 172 5.72 -2.13 0.49
N TYR A 173 6.42 -2.88 1.32
CA TYR A 173 7.68 -3.48 0.89
C TYR A 173 7.46 -4.64 -0.14
N ALA A 174 6.29 -5.25 -0.16
CA ALA A 174 5.87 -6.16 -1.23
C ALA A 174 5.29 -5.40 -2.41
N ASP A 175 4.23 -4.62 -2.16
CA ASP A 175 3.46 -3.99 -3.24
C ASP A 175 4.31 -3.04 -4.05
N PHE A 176 5.19 -2.29 -3.37
CA PHE A 176 6.05 -1.27 -4.00
C PHE A 176 7.49 -1.77 -4.13
N ALA A 177 7.66 -3.06 -4.16
CA ALA A 177 9.02 -3.64 -4.30
C ALA A 177 9.86 -3.08 -5.43
N PRO A 178 9.31 -2.81 -6.62
CA PRO A 178 10.19 -2.35 -7.70
C PRO A 178 10.81 -0.96 -7.33
N GLN A 179 10.00 -0.10 -6.67
CA GLN A 179 10.46 1.21 -6.21
C GLN A 179 11.44 1.15 -5.08
N VAL A 180 11.16 0.28 -4.10
CA VAL A 180 12.09 0.03 -3.03
C VAL A 180 13.44 -0.41 -3.60
N GLU A 181 13.41 -1.35 -4.57
CA GLU A 181 14.63 -1.85 -5.15
C GLU A 181 15.38 -0.78 -5.96
N ALA A 182 14.63 0.02 -6.71
CA ALA A 182 15.22 1.12 -7.49
C ALA A 182 15.97 2.10 -6.62
N VAL A 183 15.38 2.40 -5.46
CA VAL A 183 15.89 3.39 -4.54
C VAL A 183 17.02 2.88 -3.65
N THR A 184 16.89 1.64 -3.19
CA THR A 184 17.84 1.09 -2.23
C THR A 184 18.83 0.01 -2.75
N GLY A 185 18.49 -0.57 -3.89
CA GLY A 185 19.21 -1.73 -4.45
C GLY A 185 18.83 -3.09 -3.88
N ALA A 186 17.86 -3.12 -2.95
CA ALA A 186 17.59 -4.27 -2.14
C ALA A 186 16.09 -4.64 -2.23
N THR A 187 15.82 -5.89 -1.84
CA THR A 187 14.50 -6.38 -1.56
C THR A 187 14.52 -7.07 -0.18
N LEU A 188 13.33 -7.46 0.32
CA LEU A 188 13.26 -8.17 1.58
C LEU A 188 13.89 -9.56 1.59
N ARG A 189 14.22 -10.11 0.41
CA ARG A 189 14.92 -11.38 0.33
C ARG A 189 16.41 -11.24 0.63
N ASP A 190 16.92 -10.00 0.69
CA ASP A 190 18.27 -9.69 1.21
C ASP A 190 18.13 -9.65 2.74
N GLU A 191 18.75 -10.60 3.44
CA GLU A 191 18.56 -10.72 4.91
C GLU A 191 18.99 -9.44 5.70
N VAL A 192 20.06 -8.80 5.27
CA VAL A 192 20.52 -7.59 5.92
C VAL A 192 19.48 -6.45 5.77
N PHE A 193 18.95 -6.31 4.57
CA PHE A 193 17.92 -5.31 4.31
C PHE A 193 16.65 -5.59 5.07
N PHE A 194 16.26 -6.88 5.11
CA PHE A 194 15.09 -7.30 5.92
C PHE A 194 15.21 -6.80 7.36
N ASN A 195 16.34 -7.12 7.97
CA ASN A 195 16.58 -6.74 9.33
C ASN A 195 16.57 -5.20 9.55
N GLN A 196 17.19 -4.45 8.62
CA GLN A 196 17.17 -3.00 8.69
C GLN A 196 15.73 -2.47 8.61
N THR A 197 14.93 -3.07 7.75
CA THR A 197 13.54 -2.67 7.59
C THR A 197 12.77 -2.88 8.88
N VAL A 198 12.87 -4.11 9.44
CA VAL A 198 12.16 -4.40 10.68
C VAL A 198 12.54 -3.37 11.73
N GLU A 199 13.86 -3.14 11.87
CA GLU A 199 14.33 -2.26 12.93
C GLU A 199 13.78 -0.86 12.78
N ASN A 200 13.72 -0.37 11.54
CA ASN A 200 13.21 1.00 11.31
C ASN A 200 11.69 1.10 11.49
N VAL A 201 10.94 0.16 10.92
CA VAL A 201 9.47 0.26 11.02
C VAL A 201 9.09 0.12 12.50
N GLN A 202 9.73 -0.83 13.20
CA GLN A 202 9.42 -0.99 14.60
C GLN A 202 9.76 0.28 15.40
N ARG A 203 10.93 0.86 15.18
CA ARG A 203 11.29 2.03 15.97
C ARG A 203 10.32 3.18 15.78
N ILE A 204 9.97 3.47 14.54
CA ILE A 204 9.12 4.59 14.28
C ILE A 204 7.75 4.38 14.92
N ILE A 205 7.15 3.22 14.65
CA ILE A 205 5.80 3.02 15.18
C ILE A 205 5.81 2.92 16.72
N ILE A 206 6.72 2.10 17.27
CA ILE A 206 6.73 1.89 18.72
C ILE A 206 7.06 3.18 19.47
N GLU A 207 8.09 3.94 19.01
CA GLU A 207 8.38 5.17 19.70
C GLU A 207 7.27 6.22 19.50
N GLY A 208 6.52 6.09 18.43
CA GLY A 208 5.38 6.95 18.23
C GLY A 208 4.15 6.68 19.10
N ILE A 209 4.06 5.48 19.66
CA ILE A 209 2.91 5.08 20.53
C ILE A 209 3.33 4.82 21.99
N ARG A 210 4.63 4.89 22.29
CA ARG A 210 5.13 4.63 23.64
C ARG A 210 4.56 5.71 24.57
N PRO A 211 4.09 5.31 25.75
CA PRO A 211 3.59 6.36 26.65
C PRO A 211 4.74 7.27 27.13
N ARG A 212 4.45 8.54 27.31
CA ARG A 212 5.40 9.52 27.75
C ARG A 212 4.92 10.18 29.11
N SER B 17 -1.99 22.79 -25.24
CA SER B 17 -1.68 23.08 -23.80
C SER B 17 -2.86 23.16 -22.80
N ALA B 18 -3.86 24.03 -22.97
CA ALA B 18 -5.16 23.63 -22.43
C ALA B 18 -5.50 22.27 -23.09
N LYS B 19 -5.16 22.08 -24.37
CA LYS B 19 -5.35 20.75 -25.01
C LYS B 19 -4.48 19.67 -24.36
N LYS B 20 -3.23 19.99 -24.06
CA LYS B 20 -2.36 19.01 -23.43
C LYS B 20 -2.91 18.61 -22.05
N LYS B 21 -3.41 19.59 -21.30
CA LYS B 21 -3.99 19.30 -19.98
C LYS B 21 -5.26 18.39 -20.11
N ALA B 22 -6.06 18.66 -21.12
CA ALA B 22 -7.27 17.88 -21.41
C ALA B 22 -6.94 16.44 -21.74
N ILE B 23 -5.90 16.25 -22.53
CA ILE B 23 -5.44 14.92 -22.94
C ILE B 23 -4.92 14.15 -21.71
N LEU B 24 -4.11 14.83 -20.88
CA LEU B 24 -3.55 14.16 -19.68
C LEU B 24 -4.66 13.76 -18.71
N SER B 25 -5.61 14.67 -18.55
CA SER B 25 -6.71 14.46 -17.61
C SER B 25 -7.57 13.27 -18.11
N ALA B 26 -7.92 13.26 -19.41
CA ALA B 26 -8.66 12.14 -20.03
C ALA B 26 -7.91 10.82 -19.97
N ALA B 27 -6.60 10.89 -20.16
CA ALA B 27 -5.75 9.73 -20.10
C ALA B 27 -5.75 9.13 -18.68
N LEU B 28 -5.58 9.99 -17.68
CA LEU B 28 -5.56 9.52 -16.29
C LEU B 28 -6.87 8.79 -16.00
N ASP B 29 -7.99 9.41 -16.35
CA ASP B 29 -9.30 8.85 -16.04
C ASP B 29 -9.53 7.51 -16.80
N THR B 30 -9.02 7.42 -18.03
CA THR B 30 -9.20 6.25 -18.82
C THR B 30 -8.27 5.12 -18.36
N PHE B 31 -6.98 5.41 -18.22
CA PHE B 31 -5.99 4.42 -17.78
C PHE B 31 -6.34 3.89 -16.38
N SER B 32 -6.77 4.78 -15.48
CA SER B 32 -6.94 4.41 -14.06
C SER B 32 -8.14 3.45 -13.93
N GLN B 33 -8.98 3.45 -14.96
CA GLN B 33 -10.21 2.64 -15.07
C GLN B 33 -10.08 1.35 -15.86
N PHE B 34 -9.37 1.42 -16.96
CA PHE B 34 -9.30 0.33 -17.94
C PHE B 34 -7.92 -0.34 -18.04
N GLY B 35 -6.89 0.22 -17.41
CA GLY B 35 -5.51 -0.26 -17.55
C GLY B 35 -4.82 0.21 -18.82
N PHE B 36 -3.52 -0.06 -18.93
CA PHE B 36 -2.74 0.31 -20.13
C PHE B 36 -3.20 -0.45 -21.39
N HIS B 37 -3.22 -1.75 -21.31
CA HIS B 37 -3.54 -2.60 -22.47
C HIS B 37 -5.01 -2.44 -22.88
N GLY B 38 -5.91 -2.18 -21.94
CA GLY B 38 -7.35 -2.01 -22.22
C GLY B 38 -7.77 -0.63 -22.74
N THR B 39 -6.89 0.34 -22.63
CA THR B 39 -7.15 1.73 -23.03
C THR B 39 -6.79 1.93 -24.50
N ARG B 40 -7.66 2.59 -25.22
CA ARG B 40 -7.41 3.01 -26.60
C ARG B 40 -7.20 4.50 -26.70
N LEU B 41 -6.22 4.88 -27.51
CA LEU B 41 -5.95 6.30 -27.77
C LEU B 41 -7.20 7.01 -28.35
N GLU B 42 -8.02 6.32 -29.16
CA GLU B 42 -9.22 6.90 -29.77
C GLU B 42 -10.20 7.33 -28.67
N GLN B 43 -10.25 6.58 -27.57
CA GLN B 43 -11.18 6.89 -26.44
C GLN B 43 -10.68 8.15 -25.74
N ILE B 44 -9.37 8.20 -25.47
CA ILE B 44 -8.78 9.36 -24.79
C ILE B 44 -8.98 10.60 -25.65
N ALA B 45 -8.70 10.51 -26.96
CA ALA B 45 -8.84 11.68 -27.82
C ALA B 45 -10.30 12.20 -27.83
N GLU B 46 -11.24 11.26 -27.89
CA GLU B 46 -12.67 11.62 -27.89
C GLU B 46 -12.99 12.35 -26.61
N LEU B 47 -12.60 11.78 -25.44
CA LEU B 47 -12.85 12.43 -24.13
C LEU B 47 -12.22 13.83 -24.00
N ALA B 48 -11.06 14.04 -24.63
CA ALA B 48 -10.34 15.27 -24.54
C ALA B 48 -10.77 16.31 -25.61
N GLY B 49 -11.65 15.90 -26.50
CA GLY B 49 -12.13 16.69 -27.60
C GLY B 49 -11.14 17.03 -28.64
N VAL B 50 -10.25 16.11 -28.93
CA VAL B 50 -9.24 16.27 -29.97
C VAL B 50 -9.25 15.08 -30.87
N SER B 51 -8.69 15.26 -32.06
CA SER B 51 -8.45 14.14 -32.99
C SER B 51 -7.35 13.27 -32.45
N LYS B 52 -7.35 12.00 -32.85
CA LYS B 52 -6.24 11.12 -32.53
C LYS B 52 -4.90 11.63 -33.11
N THR B 53 -4.94 12.23 -34.30
CA THR B 53 -3.74 12.84 -34.86
C THR B 53 -3.19 13.97 -33.98
N ASN B 54 -4.07 14.80 -33.44
CA ASN B 54 -3.63 15.92 -32.59
C ASN B 54 -3.06 15.34 -31.27
N LEU B 55 -3.68 14.28 -30.76
CA LEU B 55 -3.16 13.62 -29.55
C LEU B 55 -1.74 13.11 -29.80
N LEU B 56 -1.55 12.47 -30.94
CA LEU B 56 -0.25 11.89 -31.23
C LEU B 56 0.86 12.92 -31.42
N TYR B 57 0.50 14.16 -31.78
CA TYR B 57 1.44 15.27 -31.91
C TYR B 57 2.07 15.54 -30.54
N TYR B 58 1.23 15.53 -29.50
CA TYR B 58 1.70 15.74 -28.14
C TYR B 58 2.40 14.51 -27.52
N PHE B 59 1.83 13.33 -27.76
CA PHE B 59 2.27 12.08 -27.21
C PHE B 59 2.34 11.02 -28.35
N PRO B 60 3.56 10.71 -28.84
CA PRO B 60 3.67 9.86 -30.04
C PRO B 60 3.31 8.39 -29.90
N SER B 61 3.02 7.93 -28.70
CA SER B 61 2.62 6.55 -28.44
C SER B 61 1.77 6.53 -27.15
N LYS B 62 1.05 5.44 -26.99
CA LYS B 62 0.33 5.18 -25.75
C LYS B 62 1.31 5.07 -24.57
N GLU B 63 2.46 4.46 -24.79
CA GLU B 63 3.53 4.36 -23.76
C GLU B 63 3.97 5.76 -23.28
N ALA B 64 4.13 6.68 -24.21
CA ALA B 64 4.61 8.03 -23.89
C ALA B 64 3.56 8.73 -23.07
N LEU B 65 2.29 8.53 -23.45
CA LEU B 65 1.22 9.19 -22.76
C LEU B 65 1.08 8.65 -21.30
N TYR B 66 1.13 7.35 -21.17
CA TYR B 66 1.09 6.69 -19.87
C TYR B 66 2.20 7.17 -18.93
N ILE B 67 3.44 7.17 -19.44
CA ILE B 67 4.59 7.65 -18.71
C ILE B 67 4.37 9.11 -18.33
N ALA B 68 3.81 9.92 -19.22
CA ALA B 68 3.54 11.32 -18.89
C ALA B 68 2.56 11.50 -17.74
N VAL B 69 1.53 10.67 -17.72
CA VAL B 69 0.49 10.71 -16.66
C VAL B 69 1.22 10.36 -15.31
N LEU B 70 2.07 9.32 -15.30
CA LEU B 70 2.72 8.88 -14.09
C LEU B 70 3.81 9.85 -13.60
N ARG B 71 4.50 10.55 -14.52
CA ARG B 71 5.42 11.59 -14.14
C ARG B 71 4.71 12.78 -13.51
N GLN B 72 3.48 13.08 -13.94
CA GLN B 72 2.73 14.15 -13.36
C GLN B 72 2.37 13.88 -11.88
N ILE B 73 1.95 12.65 -11.55
CA ILE B 73 1.66 12.35 -10.11
CA ILE B 73 1.69 12.19 -10.21
C ILE B 73 2.96 12.33 -9.36
N LEU B 74 4.05 11.80 -9.94
CA LEU B 74 5.34 11.93 -9.24
C LEU B 74 5.70 13.37 -8.92
N ASP B 75 5.50 14.26 -9.89
CA ASP B 75 5.83 15.68 -9.70
C ASP B 75 5.03 16.30 -8.54
N ILE B 76 3.74 16.01 -8.51
CA ILE B 76 2.82 16.54 -7.46
C ILE B 76 3.23 15.99 -6.08
N TRP B 77 3.50 14.68 -6.04
CA TRP B 77 3.89 14.02 -4.78
C TRP B 77 5.21 14.55 -4.25
N LEU B 78 6.19 14.74 -5.13
CA LEU B 78 7.55 15.03 -4.71
C LEU B 78 7.84 16.49 -4.43
N ALA B 79 6.97 17.39 -4.88
CA ALA B 79 7.21 18.78 -4.70
C ALA B 79 7.64 19.19 -3.27
N PRO B 80 6.92 18.73 -2.23
CA PRO B 80 7.36 19.10 -0.86
C PRO B 80 8.74 18.57 -0.46
N LEU B 81 9.06 17.38 -0.91
CA LEU B 81 10.34 16.77 -0.59
C LEU B 81 11.47 17.46 -1.34
N LYS B 82 11.22 17.80 -2.61
CA LYS B 82 12.21 18.58 -3.38
C LYS B 82 12.56 19.86 -2.69
N ALA B 83 11.59 20.45 -1.98
CA ALA B 83 11.79 21.70 -1.32
C ALA B 83 12.61 21.62 -0.04
N PHE B 84 12.79 20.43 0.53
CA PHE B 84 13.55 20.31 1.77
C PHE B 84 14.95 20.97 1.63
N ARG B 85 15.35 21.70 2.65
CA ARG B 85 16.69 22.31 2.74
C ARG B 85 17.28 22.03 4.09
N GLU B 86 18.62 22.00 4.13
CA GLU B 86 19.36 21.65 5.36
C GLU B 86 18.92 22.50 6.54
N ASP B 87 18.58 23.76 6.30
CA ASP B 87 18.32 24.68 7.41
C ASP B 87 16.83 24.72 7.83
N PHE B 88 15.99 23.86 7.27
CA PHE B 88 14.61 23.73 7.73
C PHE B 88 14.60 23.17 9.17
N ALA B 89 13.52 23.44 9.90
CA ALA B 89 13.21 22.72 11.12
C ALA B 89 12.70 21.31 10.77
N PRO B 90 13.42 20.26 11.17
CA PRO B 90 13.14 18.97 10.56
C PRO B 90 11.76 18.40 10.88
N LEU B 91 11.37 18.40 12.16
CA LEU B 91 10.10 17.82 12.54
C LEU B 91 8.97 18.63 11.89
N ALA B 92 9.08 19.96 11.89
CA ALA B 92 8.07 20.78 11.19
C ALA B 92 7.97 20.45 9.70
N ALA B 93 9.12 20.33 9.04
CA ALA B 93 9.15 20.06 7.61
C ALA B 93 8.43 18.72 7.32
N ILE B 94 8.75 17.69 8.15
CA ILE B 94 8.19 16.34 7.94
C ILE B 94 6.70 16.36 8.22
N LYS B 95 6.32 17.09 9.27
CA LYS B 95 4.93 17.20 9.62
C LYS B 95 4.09 17.79 8.48
N GLU B 96 4.61 18.85 7.87
CA GLU B 96 3.97 19.51 6.72
C GLU B 96 3.88 18.57 5.50
N TYR B 97 4.98 17.84 5.24
CA TYR B 97 5.02 16.87 4.14
C TYR B 97 3.87 15.85 4.26
N ILE B 98 3.70 15.31 5.47
CA ILE B 98 2.67 14.32 5.71
C ILE B 98 1.28 14.91 5.37
N ARG B 99 0.99 16.11 5.86
CA ARG B 99 -0.29 16.78 5.54
CA ARG B 99 -0.30 16.76 5.55
C ARG B 99 -0.48 16.94 4.03
N LEU B 100 0.54 17.48 3.36
CA LEU B 100 0.43 17.71 1.90
C LEU B 100 0.22 16.40 1.11
N LYS B 101 0.86 15.30 1.58
CA LYS B 101 0.69 14.00 0.96
C LYS B 101 -0.74 13.49 1.15
N LEU B 102 -1.31 13.73 2.34
CA LEU B 102 -2.70 13.32 2.53
C LEU B 102 -3.67 14.18 1.74
N GLU B 103 -3.37 15.44 1.54
CA GLU B 103 -4.19 16.27 0.64
C GLU B 103 -4.21 15.70 -0.77
N VAL B 104 -3.08 15.27 -1.25
CA VAL B 104 -3.02 14.62 -2.56
C VAL B 104 -3.85 13.31 -2.62
N SER B 105 -3.79 12.49 -1.58
CA SER B 105 -4.58 11.26 -1.59
C SER B 105 -6.08 11.60 -1.59
N ARG B 106 -6.46 12.71 -0.94
CA ARG B 106 -7.86 13.13 -0.95
C ARG B 106 -8.28 13.66 -2.33
N ASP B 107 -7.45 14.47 -2.92
CA ASP B 107 -7.77 15.19 -4.14
C ASP B 107 -7.50 14.44 -5.44
N TYR B 108 -6.50 13.56 -5.48
CA TYR B 108 -6.13 12.81 -6.70
C TYR B 108 -6.03 11.31 -6.45
N PRO B 109 -7.08 10.69 -5.93
CA PRO B 109 -6.96 9.25 -5.62
C PRO B 109 -6.80 8.38 -6.85
N GLN B 110 -7.33 8.80 -8.00
CA GLN B 110 -7.22 8.03 -9.19
C GLN B 110 -5.77 7.92 -9.65
N ALA B 111 -5.02 8.99 -9.43
CA ALA B 111 -3.58 9.01 -9.81
C ALA B 111 -2.81 8.09 -8.89
N SER B 112 -3.14 8.11 -7.63
CA SER B 112 -2.46 7.23 -6.66
C SER B 112 -2.70 5.77 -7.03
N ARG B 113 -3.95 5.44 -7.38
CA ARG B 113 -4.30 4.07 -7.75
C ARG B 113 -3.56 3.63 -9.03
N LEU B 114 -3.49 4.52 -10.03
CA LEU B 114 -2.80 4.15 -11.26
C LEU B 114 -1.31 3.89 -11.02
N PHE B 115 -0.70 4.68 -10.19
CA PHE B 115 0.69 4.51 -9.86
C PHE B 115 0.88 3.17 -9.13
N CYS B 116 0.00 2.88 -8.19
CA CYS B 116 0.03 1.59 -7.48
C CYS B 116 -0.11 0.40 -8.44
N MET B 117 -1.01 0.50 -9.41
CA MET B 117 -1.20 -0.58 -10.40
C MET B 117 0.10 -0.83 -11.21
N GLU B 118 0.74 0.26 -11.60
CA GLU B 118 2.03 0.17 -12.31
C GLU B 118 3.08 -0.53 -11.45
N MET B 119 3.12 -0.21 -10.15
CA MET B 119 4.05 -0.92 -9.21
CA MET B 119 4.06 -0.90 -9.23
C MET B 119 3.74 -2.41 -9.09
N LEU B 120 2.47 -2.77 -8.95
CA LEU B 120 2.08 -4.18 -8.86
C LEU B 120 2.47 -5.02 -10.07
N ALA B 121 2.49 -4.36 -11.25
CA ALA B 121 2.89 -4.97 -12.45
C ALA B 121 4.41 -5.13 -12.61
N GLY B 122 5.17 -4.60 -11.67
CA GLY B 122 6.62 -4.61 -11.68
C GLY B 122 7.30 -3.40 -12.34
N ALA B 123 6.55 -2.33 -12.45
CA ALA B 123 6.96 -1.06 -13.07
C ALA B 123 7.58 -1.28 -14.48
N PRO B 124 6.85 -2.05 -15.34
CA PRO B 124 7.37 -2.34 -16.67
C PRO B 124 7.66 -1.09 -17.52
N LEU B 125 6.87 -0.03 -17.39
CA LEU B 125 7.10 1.23 -18.17
C LEU B 125 7.77 2.34 -17.35
N LEU B 126 7.64 2.29 -16.00
CA LEU B 126 8.11 3.40 -15.18
C LEU B 126 9.52 3.20 -14.57
N MET B 127 10.07 2.00 -14.75
CA MET B 127 11.30 1.61 -14.02
C MET B 127 12.43 2.62 -14.26
N ASP B 128 12.54 3.14 -15.50
CA ASP B 128 13.63 4.08 -15.76
C ASP B 128 13.48 5.37 -14.97
N GLU B 129 12.24 5.83 -14.78
CA GLU B 129 12.02 7.02 -13.92
C GLU B 129 12.44 6.75 -12.46
N LEU B 130 12.23 5.51 -12.00
CA LEU B 130 12.55 5.15 -10.62
C LEU B 130 14.04 5.04 -10.37
N THR B 131 14.76 4.35 -11.28
CA THR B 131 16.23 4.16 -11.12
C THR B 131 17.07 5.40 -11.49
N GLY B 132 16.46 6.36 -12.20
CA GLY B 132 17.16 7.54 -12.69
C GLY B 132 16.86 8.69 -11.74
N ASP B 133 15.89 9.50 -12.17
CA ASP B 133 15.58 10.74 -11.48
C ASP B 133 15.07 10.52 -10.05
N LEU B 134 14.22 9.54 -9.82
CA LEU B 134 13.73 9.33 -8.44
C LEU B 134 14.91 8.95 -7.49
N LYS B 135 15.70 7.95 -7.87
CA LYS B 135 16.83 7.52 -7.08
C LYS B 135 17.75 8.72 -6.76
N ALA B 136 18.01 9.56 -7.77
CA ALA B 136 18.93 10.69 -7.59
C ALA B 136 18.37 11.63 -6.51
N LEU B 137 17.08 11.91 -6.60
CA LEU B 137 16.42 12.80 -5.63
C LEU B 137 16.41 12.22 -4.22
N ILE B 138 16.07 10.94 -4.10
CA ILE B 138 16.04 10.30 -2.79
C ILE B 138 17.40 10.20 -2.20
N ASP B 139 18.43 9.94 -3.01
CA ASP B 139 19.80 9.96 -2.51
C ASP B 139 20.15 11.31 -1.93
N GLU B 140 19.85 12.40 -2.64
CA GLU B 140 20.14 13.78 -2.14
C GLU B 140 19.38 14.10 -0.84
N LYS B 141 18.05 13.85 -0.84
CA LYS B 141 17.28 14.14 0.36
C LYS B 141 17.52 13.19 1.53
N SER B 142 17.86 11.94 1.27
CA SER B 142 18.30 10.98 2.34
C SER B 142 19.57 11.52 2.99
N ALA B 143 20.49 12.10 2.19
CA ALA B 143 21.77 12.64 2.78
C ALA B 143 21.45 13.79 3.69
N LEU B 144 20.46 14.58 3.27
CA LEU B 144 20.02 15.74 4.01
C LEU B 144 19.41 15.34 5.35
N ILE B 145 18.51 14.39 5.29
CA ILE B 145 17.83 13.90 6.53
C ILE B 145 18.86 13.17 7.46
N ALA B 146 19.83 12.46 6.85
CA ALA B 146 20.89 11.80 7.63
C ALA B 146 21.77 12.82 8.42
N GLY B 147 21.99 14.00 7.83
CA GLY B 147 22.67 15.12 8.45
C GLY B 147 21.91 15.58 9.68
N TRP B 148 20.57 15.60 9.56
CA TRP B 148 19.68 15.90 10.72
C TRP B 148 19.80 14.87 11.84
N VAL B 149 19.82 13.61 11.47
CA VAL B 149 20.05 12.53 12.41
C VAL B 149 21.45 12.65 13.05
N LYS B 150 22.51 12.80 12.24
CA LYS B 150 23.87 12.97 12.75
C LYS B 150 23.95 14.09 13.78
N SER B 151 23.24 15.20 13.51
CA SER B 151 23.18 16.40 14.38
C SER B 151 22.33 16.25 15.64
N GLY B 152 21.57 15.15 15.72
CA GLY B 152 20.69 14.88 16.85
C GLY B 152 19.37 15.65 16.81
N LYS B 153 18.99 16.13 15.61
CA LYS B 153 17.74 16.80 15.40
C LYS B 153 16.57 15.81 15.10
N LEU B 154 16.95 14.56 14.86
CA LEU B 154 16.01 13.44 14.73
C LEU B 154 16.64 12.27 15.45
N ALA B 155 15.79 11.33 15.80
CA ALA B 155 16.15 10.03 16.37
C ALA B 155 16.98 9.24 15.37
N PRO B 156 17.64 8.15 15.83
CA PRO B 156 18.53 7.36 14.89
C PRO B 156 17.77 6.39 13.99
N ILE B 157 17.27 6.94 12.92
CA ILE B 157 16.57 6.21 11.90
C ILE B 157 17.36 6.32 10.58
N ASP B 158 17.00 5.43 9.66
CA ASP B 158 17.50 5.44 8.30
C ASP B 158 16.52 6.18 7.36
N PRO B 159 16.97 7.26 6.73
CA PRO B 159 16.02 8.12 6.02
C PRO B 159 15.16 7.42 4.99
N GLN B 160 15.74 6.48 4.19
CA GLN B 160 14.90 5.89 3.14
C GLN B 160 13.66 5.22 3.73
N HIS B 161 13.81 4.58 4.91
CA HIS B 161 12.68 3.91 5.52
C HIS B 161 11.67 4.87 6.08
N LEU B 162 12.13 6.01 6.59
CA LEU B 162 11.20 7.08 7.03
C LEU B 162 10.38 7.59 5.82
N ILE B 163 11.07 7.79 4.70
CA ILE B 163 10.40 8.24 3.49
C ILE B 163 9.38 7.23 3.02
N PHE B 164 9.74 5.93 2.98
CA PHE B 164 8.82 4.91 2.57
C PHE B 164 7.60 4.84 3.50
N MET B 165 7.77 5.04 4.82
CA MET B 165 6.65 5.00 5.74
CA MET B 165 6.61 4.99 5.75
C MET B 165 5.66 6.16 5.46
N ILE B 166 6.22 7.32 5.14
CA ILE B 166 5.37 8.47 4.78
C ILE B 166 4.56 8.16 3.52
N TRP B 167 5.23 7.65 2.49
CA TRP B 167 4.55 7.33 1.26
C TRP B 167 3.49 6.27 1.49
N ALA B 168 3.84 5.19 2.21
CA ALA B 168 2.93 4.10 2.39
C ALA B 168 1.67 4.50 3.18
N SER B 169 1.92 5.20 4.29
N SER B 169 1.89 5.20 4.29
CA SER B 169 0.86 5.58 5.25
CA SER B 169 0.78 5.56 5.21
C SER B 169 -0.13 6.57 4.62
C SER B 169 -0.17 6.56 4.57
N THR B 170 0.36 7.48 3.80
CA THR B 170 -0.48 8.52 3.21
C THR B 170 -1.21 8.01 1.95
N GLN B 171 -0.51 7.25 1.14
CA GLN B 171 -1.14 6.65 -0.03
C GLN B 171 -2.18 5.55 0.28
N HIS B 172 -2.04 4.89 1.42
CA HIS B 172 -2.96 3.88 1.86
C HIS B 172 -4.35 4.35 1.83
N TYR B 173 -4.56 5.61 2.22
CA TYR B 173 -5.97 6.08 2.34
C TYR B 173 -6.70 6.30 0.98
N ALA B 174 -5.92 6.41 -0.10
CA ALA B 174 -6.49 6.39 -1.44
C ALA B 174 -6.54 4.94 -1.97
N ASP B 175 -5.42 4.24 -1.93
CA ASP B 175 -5.32 2.93 -2.58
C ASP B 175 -6.24 1.89 -1.91
N PHE B 176 -6.37 1.96 -0.58
CA PHE B 176 -7.14 1.02 0.17
C PHE B 176 -8.42 1.68 0.68
N ALA B 177 -8.87 2.74 0.01
CA ALA B 177 -10.11 3.36 0.38
C ALA B 177 -11.32 2.42 0.59
N PRO B 178 -11.49 1.35 -0.21
CA PRO B 178 -12.65 0.47 0.06
C PRO B 178 -12.62 -0.19 1.44
N GLN B 179 -11.42 -0.58 1.84
CA GLN B 179 -11.23 -1.19 3.14
C GLN B 179 -11.35 -0.18 4.28
N VAL B 180 -10.78 1.00 4.08
CA VAL B 180 -10.86 2.05 5.10
C VAL B 180 -12.35 2.38 5.33
N GLU B 181 -13.10 2.50 4.22
CA GLU B 181 -14.52 2.79 4.35
C GLU B 181 -15.31 1.64 5.02
N ALA B 182 -15.04 0.40 4.63
CA ALA B 182 -15.70 -0.78 5.20
C ALA B 182 -15.52 -0.82 6.73
N VAL B 183 -14.34 -0.43 7.17
CA VAL B 183 -13.96 -0.49 8.59
C VAL B 183 -14.45 0.72 9.40
N THR B 184 -14.32 1.92 8.84
CA THR B 184 -14.57 3.16 9.55
C THR B 184 -15.86 3.88 9.18
N GLY B 185 -16.43 3.52 8.05
CA GLY B 185 -17.59 4.26 7.51
C GLY B 185 -17.25 5.58 6.80
N ALA B 186 -15.96 5.90 6.68
CA ALA B 186 -15.50 7.19 6.22
C ALA B 186 -14.50 7.03 5.05
N THR B 187 -14.32 8.14 4.34
CA THR B 187 -13.25 8.35 3.37
C THR B 187 -12.58 9.73 3.65
N LEU B 188 -11.51 10.01 2.92
CA LEU B 188 -10.84 11.27 3.11
C LEU B 188 -11.68 12.46 2.62
N ARG B 189 -12.75 12.17 1.90
CA ARG B 189 -13.68 13.26 1.47
C ARG B 189 -14.59 13.72 2.62
N ASP B 190 -14.60 12.98 3.73
CA ASP B 190 -15.25 13.39 4.98
C ASP B 190 -14.33 14.22 5.79
N GLU B 191 -14.74 15.49 6.02
CA GLU B 191 -13.79 16.48 6.63
C GLU B 191 -13.29 16.02 8.02
N VAL B 192 -14.22 15.51 8.87
CA VAL B 192 -13.78 15.05 10.21
C VAL B 192 -12.74 13.94 10.12
N PHE B 193 -12.99 13.00 9.23
CA PHE B 193 -12.10 11.87 9.06
C PHE B 193 -10.73 12.28 8.47
N PHE B 194 -10.76 13.21 7.52
CA PHE B 194 -9.51 13.72 6.95
C PHE B 194 -8.65 14.34 8.07
N ASN B 195 -9.26 15.22 8.90
CA ASN B 195 -8.52 15.89 9.95
C ASN B 195 -7.94 14.90 10.93
N GLN B 196 -8.75 13.90 11.30
CA GLN B 196 -8.36 12.80 12.21
CA GLN B 196 -8.25 12.90 12.23
C GLN B 196 -7.14 12.04 11.65
N THR B 197 -7.19 11.78 10.35
CA THR B 197 -6.16 10.98 9.65
C THR B 197 -4.84 11.76 9.68
N VAL B 198 -4.89 13.03 9.31
CA VAL B 198 -3.69 13.89 9.40
C VAL B 198 -3.15 13.88 10.80
N GLU B 199 -4.00 14.13 11.80
CA GLU B 199 -3.54 14.21 13.20
C GLU B 199 -2.83 12.93 13.62
N ASN B 200 -3.39 11.78 13.27
CA ASN B 200 -2.87 10.50 13.77
C ASN B 200 -1.61 10.04 13.03
N VAL B 201 -1.59 10.22 11.70
CA VAL B 201 -0.39 9.88 10.93
C VAL B 201 0.79 10.80 11.40
N GLN B 202 0.52 12.10 11.55
CA GLN B 202 1.55 12.99 12.05
C GLN B 202 2.02 12.57 13.45
N ARG B 203 1.10 12.27 14.33
CA ARG B 203 1.51 11.96 15.70
C ARG B 203 2.41 10.73 15.76
N ILE B 204 2.06 9.68 15.00
CA ILE B 204 2.83 8.44 15.09
C ILE B 204 4.23 8.66 14.50
N ILE B 205 4.30 9.25 13.32
CA ILE B 205 5.60 9.43 12.68
C ILE B 205 6.46 10.41 13.42
N ILE B 206 5.88 11.56 13.80
CA ILE B 206 6.68 12.65 14.40
C ILE B 206 7.17 12.21 15.80
N GLU B 207 6.29 11.61 16.61
CA GLU B 207 6.76 11.14 17.89
C GLU B 207 7.76 9.99 17.73
N GLY B 208 7.62 9.20 16.66
CA GLY B 208 8.56 8.12 16.43
C GLY B 208 9.94 8.53 15.97
N ILE B 209 10.06 9.75 15.45
CA ILE B 209 11.39 10.27 14.97
C ILE B 209 11.95 11.46 15.83
N ARG B 210 11.17 11.91 16.82
CA ARG B 210 11.59 13.01 17.67
C ARG B 210 12.82 12.56 18.49
N PRO B 211 13.83 13.40 18.61
CA PRO B 211 15.02 12.99 19.40
C PRO B 211 14.64 12.83 20.87
N ARG B 212 15.24 11.91 21.58
CA ARG B 212 14.81 11.63 23.00
C ARG B 212 15.91 11.80 24.05
S SO4 C . -8.25 -11.44 28.25
O1 SO4 C . -8.57 -11.53 26.75
O2 SO4 C . -9.38 -10.58 28.76
O3 SO4 C . -8.18 -12.78 28.98
O4 SO4 C . -6.89 -10.74 28.45
S SO4 D . 5.15 -3.00 27.02
O1 SO4 D . 5.63 -4.10 26.09
O2 SO4 D . 4.00 -2.23 26.57
O3 SO4 D . 4.75 -3.71 28.30
O4 SO4 D . 6.32 -2.09 27.25
S SO4 E . 10.90 -8.73 18.13
O1 SO4 E . 10.65 -8.14 16.87
O2 SO4 E . 11.50 -7.82 19.09
O3 SO4 E . 9.59 -9.10 18.65
O4 SO4 E . 11.79 -9.90 18.16
S SO4 F . -12.98 -32.49 6.65
O1 SO4 F . -12.84 -31.27 5.85
O2 SO4 F . -14.27 -32.40 7.45
O3 SO4 F . -12.87 -33.65 5.76
O4 SO4 F . -11.83 -32.37 7.59
N1 URA G . -6.21 -5.78 5.38
C2 URA G . -4.98 -5.36 5.11
O2 URA G . -4.80 -4.56 4.17
N3 URA G . -3.92 -5.81 5.81
C4 URA G . -4.06 -6.66 6.82
O4 URA G . -3.07 -7.08 7.44
C5 URA G . -5.35 -7.08 7.15
C6 URA G . -6.42 -6.61 6.42
S SO4 H . -5.62 2.99 -30.50
O1 SO4 H . -4.58 3.41 -31.51
O2 SO4 H . -6.85 3.91 -30.58
O3 SO4 H . -6.12 1.67 -30.91
O4 SO4 H . -5.00 2.82 -29.11
S SO4 I . -6.15 18.02 -36.11
O1 SO4 I . -5.01 17.16 -36.54
O2 SO4 I . -6.56 18.83 -37.26
O3 SO4 I . -7.35 17.22 -35.75
O4 SO4 I . -5.70 18.95 -35.04
S SO4 J . 0.80 21.41 10.00
O1 SO4 J . 2.21 21.29 9.45
O2 SO4 J . 0.15 22.61 9.41
O3 SO4 J . 0.03 20.22 9.59
O4 SO4 J . 0.85 21.52 11.49
N1 URA K . 6.79 7.25 -5.03
C2 URA K . 5.75 7.07 -4.16
O2 URA K . 5.24 5.95 -4.03
N3 URA K . 5.27 8.09 -3.43
C4 URA K . 5.81 9.32 -3.54
O4 URA K . 5.31 10.25 -2.87
C5 URA K . 6.85 9.52 -4.39
C6 URA K . 7.33 8.47 -5.13
#